data_7XNA
#
_entry.id   7XNA
#
_cell.length_a   42.150
_cell.length_b   85.210
_cell.length_c   163.690
_cell.angle_alpha   90.000
_cell.angle_beta   90.000
_cell.angle_gamma   90.000
#
_symmetry.space_group_name_H-M   'P 21 21 21'
#
loop_
_entity.id
_entity.type
_entity.pdbx_description
1 polymer 'Somatostatin receptor type 2,Endo-1,4-beta-xylanase'
2 polymer 'CYN 154806'
#
loop_
_entity_poly.entity_id
_entity_poly.type
_entity_poly.pdbx_seq_one_letter_code
_entity_poly.pdbx_strand_id
1 'polypeptide(L)'
;MKTIIALSYIFCLVFADYKDDDDGAPDMADEPLNGSHTWLSIPFDLNGSVVSTNTSNQTEPYYDLTSNAVLTFIYFVVCI
IGLCGNTLVIYVILRYAKMKTITNIYILNLAIANELFMLGLPFLAMQVALEHWPFGKAICRVVMTVDGINQFTSIFCLTV
MSIDRYLAVVHPIKSAKWRRPRTAKMITMAVWGVSLLVILPIMIYAGLRSNQWGRSSCTINWPGESGAWYTGFIIYTFIL
GFLVPLTIICLCYLFIIIKVKSASTDYWQNWTFGGGIVNAVNGSGGNYSVNWSNTGNFVVGKGWTTGSPFRTINYNAGVW
APNGNGYLTLYGWTRSPLIEYYVVDSWGTYRPTGTYKGTVKSDGGTYDIYTTTRYNAPSIDGDDTTFTQYWSVRQSKRPT
GSNATITFTNHVNAWKSHGMNLGSNWAYQVMATEGYQSSGSSNVTVWSSKRKKSEKKVTRMVSIVVAVFIFCWLPFYIFN
VSSVSMAISPTPALKGMFDFVVVLTYANSCANPILYAFLDDNFKKSFQNVLCLVKVSGTDDGERSDSKQDKSRLNETTET
QRTEFLEVLFQGPHHHHHHHHHH
;
A
2 'polypeptide(L)' (ACE)(PPN)(DCY)Y(DTR)KTC(DTY)(NH2) B
#
# COMPACT_ATOMS: atom_id res chain seq x y z
N THR A 66 -21.94 -3.44 40.17
CA THR A 66 -22.64 -3.81 38.94
C THR A 66 -21.70 -3.79 37.74
N SER A 67 -21.81 -4.81 36.88
CA SER A 67 -21.16 -4.69 35.59
C SER A 67 -21.78 -3.62 34.73
N ASN A 68 -23.03 -3.22 35.01
CA ASN A 68 -23.57 -2.01 34.38
C ASN A 68 -22.77 -0.78 34.77
N ALA A 69 -22.44 -0.66 36.07
CA ALA A 69 -21.72 0.51 36.54
C ALA A 69 -20.42 0.69 35.76
N VAL A 70 -19.57 -0.34 35.72
CA VAL A 70 -18.34 -0.27 34.96
C VAL A 70 -18.63 0.02 33.50
N LEU A 71 -19.60 -0.71 32.94
CA LEU A 71 -19.89 -0.57 31.52
C LEU A 71 -20.39 0.82 31.18
N THR A 72 -21.26 1.39 32.00
CA THR A 72 -21.74 2.73 31.75
C THR A 72 -20.60 3.74 31.84
N PHE A 73 -19.74 3.58 32.84
CA PHE A 73 -18.57 4.45 32.94
C PHE A 73 -17.73 4.38 31.67
N ILE A 74 -17.39 3.15 31.24
CA ILE A 74 -16.55 2.99 30.05
C ILE A 74 -17.21 3.64 28.84
N TYR A 75 -18.48 3.33 28.59
CA TYR A 75 -19.20 3.98 27.50
C TYR A 75 -18.96 5.48 27.52
N PHE A 76 -19.13 6.09 28.70
CA PHE A 76 -19.15 7.54 28.79
C PHE A 76 -17.78 8.15 28.53
N VAL A 77 -16.73 7.50 29.04
CA VAL A 77 -15.40 8.04 28.80
C VAL A 77 -15.01 7.85 27.33
N VAL A 78 -15.31 6.69 26.76
CA VAL A 78 -15.14 6.54 25.31
C VAL A 78 -15.83 7.69 24.59
N CYS A 79 -17.08 7.98 24.94
CA CYS A 79 -17.83 9.00 24.23
C CYS A 79 -17.16 10.37 24.36
N ILE A 80 -16.81 10.78 25.59
CA ILE A 80 -16.11 12.04 25.82
C ILE A 80 -14.89 12.15 24.93
N ILE A 81 -14.07 11.09 24.91
CA ILE A 81 -12.78 11.13 24.23
C ILE A 81 -12.96 11.10 22.72
N GLY A 82 -13.88 10.29 22.22
CA GLY A 82 -14.11 10.26 20.78
C GLY A 82 -14.77 11.52 20.26
N LEU A 83 -15.52 12.22 21.11
CA LEU A 83 -16.14 13.47 20.65
C LEU A 83 -15.08 14.55 20.49
N CYS A 84 -14.26 14.76 21.53
CA CYS A 84 -13.10 15.65 21.40
C CYS A 84 -12.22 15.24 20.24
N GLY A 85 -11.82 13.96 20.23
CA GLY A 85 -10.91 13.50 19.20
C GLY A 85 -11.44 13.74 17.79
N ASN A 86 -12.68 13.33 17.52
CA ASN A 86 -13.19 13.40 16.16
C ASN A 86 -13.82 14.74 15.79
N THR A 87 -14.05 15.63 16.76
CA THR A 87 -14.40 17.00 16.43
C THR A 87 -13.16 17.78 16.00
N LEU A 88 -12.08 17.67 16.78
CA LEU A 88 -10.80 18.28 16.40
C LEU A 88 -10.39 17.86 15.01
N VAL A 89 -10.61 16.59 14.66
CA VAL A 89 -10.16 16.12 13.36
C VAL A 89 -11.05 16.67 12.26
N ILE A 90 -12.35 16.79 12.53
CA ILE A 90 -13.21 17.39 11.53
C ILE A 90 -12.96 18.89 11.45
N TYR A 91 -12.48 19.48 12.54
CA TYR A 91 -12.15 20.90 12.54
C TYR A 91 -10.92 21.18 11.69
N VAL A 92 -9.77 20.63 12.11
CA VAL A 92 -8.48 20.97 11.51
C VAL A 92 -8.48 20.74 10.01
N ILE A 93 -9.32 19.82 9.53
CA ILE A 93 -9.33 19.58 8.10
C ILE A 93 -10.12 20.65 7.37
N LEU A 94 -11.20 21.14 7.98
CA LEU A 94 -11.96 22.19 7.35
C LEU A 94 -11.38 23.57 7.59
N ARG A 95 -10.49 23.74 8.56
CA ARG A 95 -10.00 25.08 8.88
C ARG A 95 -8.67 25.43 8.22
N TYR A 96 -7.88 24.45 7.80
CA TYR A 96 -6.60 24.73 7.20
C TYR A 96 -6.59 24.29 5.75
N ALA A 97 -6.01 25.10 4.88
CA ALA A 97 -5.89 24.76 3.47
C ALA A 97 -4.96 23.60 3.31
N LYS A 98 -3.92 23.65 4.11
CA LYS A 98 -2.83 22.70 4.13
C LYS A 98 -3.32 21.31 4.42
N MET A 99 -4.26 21.20 5.36
CA MET A 99 -4.82 19.94 5.78
C MET A 99 -5.80 19.29 4.84
N LYS A 100 -6.22 19.99 3.81
CA LYS A 100 -7.13 19.40 2.88
C LYS A 100 -6.33 18.69 1.82
N THR A 101 -6.33 17.37 1.86
CA THR A 101 -5.61 16.50 0.94
C THR A 101 -6.46 15.32 0.55
N ILE A 102 -6.00 14.49 -0.36
CA ILE A 102 -6.77 13.35 -0.79
C ILE A 102 -7.14 12.31 0.30
N THR A 103 -6.14 11.94 1.07
CA THR A 103 -6.28 11.02 2.15
C THR A 103 -7.14 11.61 3.21
N ASN A 104 -6.95 12.89 3.48
CA ASN A 104 -7.71 13.64 4.45
C ASN A 104 -9.15 13.74 4.08
N ILE A 105 -9.44 13.85 2.79
CA ILE A 105 -10.82 13.86 2.37
C ILE A 105 -11.46 12.53 2.71
N TYR A 106 -10.75 11.43 2.50
CA TYR A 106 -11.32 10.17 2.98
C TYR A 106 -11.45 10.12 4.51
N ILE A 107 -10.49 10.68 5.21
CA ILE A 107 -10.46 10.72 6.65
C ILE A 107 -11.57 11.49 7.32
N LEU A 108 -11.98 12.58 6.71
CA LEU A 108 -13.07 13.40 7.22
C LEU A 108 -14.35 12.60 7.35
N ASN A 109 -14.60 11.70 6.40
CA ASN A 109 -15.82 10.92 6.40
C ASN A 109 -15.79 9.83 7.46
N LEU A 110 -14.61 9.25 7.72
CA LEU A 110 -14.43 8.41 8.89
C LEU A 110 -14.78 9.17 10.15
N ALA A 111 -14.24 10.38 10.27
CA ALA A 111 -14.50 11.19 11.46
C ALA A 111 -15.97 11.60 11.54
N ILE A 112 -16.60 11.93 10.40
CA ILE A 112 -18.04 12.22 10.38
C ILE A 112 -18.83 11.04 10.91
N ALA A 113 -18.53 9.84 10.38
CA ALA A 113 -19.27 8.65 10.80
C ALA A 113 -19.05 8.37 12.27
N ASN A 114 -17.80 8.46 12.73
CA ASN A 114 -17.50 8.25 14.15
C ASN A 114 -18.19 9.29 15.02
N GLU A 115 -18.20 10.56 14.59
CA GLU A 115 -18.86 11.62 15.36
C GLU A 115 -20.34 11.33 15.54
N LEU A 116 -21.05 11.14 14.42
CA LEU A 116 -22.44 10.70 14.38
C LEU A 116 -22.65 9.58 15.38
N PHE A 117 -21.68 8.66 15.48
CA PHE A 117 -21.86 7.53 16.37
C PHE A 117 -21.60 7.89 17.82
N MET A 118 -20.52 8.66 18.10
CA MET A 118 -20.26 9.04 19.49
C MET A 118 -21.40 9.86 20.08
N LEU A 119 -22.25 10.43 19.23
CA LEU A 119 -23.45 11.12 19.70
C LEU A 119 -24.52 10.14 20.20
N GLY A 120 -24.74 9.03 19.49
CA GLY A 120 -25.70 8.06 19.96
C GLY A 120 -25.29 7.36 21.23
N LEU A 121 -23.99 7.21 21.46
CA LEU A 121 -23.46 6.42 22.58
C LEU A 121 -24.06 6.78 23.95
N PRO A 122 -24.22 8.05 24.33
CA PRO A 122 -24.84 8.36 25.64
C PRO A 122 -26.17 7.68 25.87
N PHE A 123 -27.00 7.59 24.83
CA PHE A 123 -28.27 6.87 24.97
C PHE A 123 -28.02 5.40 25.24
N LEU A 124 -27.16 4.75 24.47
CA LEU A 124 -26.82 3.36 24.74
C LEU A 124 -26.22 3.18 26.12
N ALA A 125 -25.49 4.20 26.60
CA ALA A 125 -24.91 4.17 27.93
C ALA A 125 -26.00 4.17 28.99
N MET A 126 -27.05 4.95 28.76
CA MET A 126 -28.13 5.05 29.72
C MET A 126 -29.02 3.83 29.66
N GLN A 127 -29.11 3.17 28.50
CA GLN A 127 -29.81 1.91 28.45
C GLN A 127 -29.12 0.87 29.34
N VAL A 128 -27.79 0.78 29.26
CA VAL A 128 -27.11 -0.19 30.11
C VAL A 128 -27.27 0.16 31.58
N ALA A 129 -27.27 1.45 31.91
CA ALA A 129 -27.30 1.85 33.31
C ALA A 129 -28.68 1.70 33.93
N LEU A 130 -29.75 1.82 33.13
CA LEU A 130 -31.12 1.61 33.59
C LEU A 130 -31.70 0.27 33.17
N GLU A 131 -30.97 -0.54 32.42
CA GLU A 131 -31.50 -1.80 31.89
C GLU A 131 -32.90 -1.60 31.35
N HIS A 132 -33.05 -0.57 30.51
CA HIS A 132 -34.35 -0.12 30.01
C HIS A 132 -34.17 1.04 29.05
N TRP A 133 -34.79 0.96 27.88
CA TRP A 133 -34.72 2.05 26.91
C TRP A 133 -35.88 3.00 27.17
N PRO A 134 -35.64 4.20 27.67
CA PRO A 134 -36.76 5.11 27.97
C PRO A 134 -36.87 6.30 27.02
N PHE A 135 -36.12 6.32 25.92
CA PHE A 135 -36.08 7.51 25.08
C PHE A 135 -37.15 7.53 23.98
N GLY A 136 -37.75 6.40 23.66
CA GLY A 136 -38.79 6.34 22.65
C GLY A 136 -38.30 5.74 21.34
N LYS A 137 -39.27 5.51 20.44
CA LYS A 137 -39.01 4.78 19.20
C LYS A 137 -38.36 5.67 18.14
N ALA A 138 -38.61 6.98 18.17
CA ALA A 138 -37.96 7.86 17.21
C ALA A 138 -36.45 7.95 17.47
N ILE A 139 -36.06 8.15 18.73
CA ILE A 139 -34.63 8.25 19.04
C ILE A 139 -33.92 6.90 18.86
N CYS A 140 -34.64 5.77 19.02
CA CYS A 140 -34.10 4.42 18.80
C CYS A 140 -33.73 4.21 17.35
N ARG A 141 -34.62 4.61 16.45
CA ARG A 141 -34.32 4.50 15.04
C ARG A 141 -33.09 5.31 14.66
N VAL A 142 -32.93 6.48 15.26
CA VAL A 142 -31.77 7.29 14.91
C VAL A 142 -30.51 6.68 15.51
N VAL A 143 -30.60 6.06 16.69
CA VAL A 143 -29.40 5.48 17.29
C VAL A 143 -28.98 4.21 16.56
N MET A 144 -29.96 3.39 16.14
CA MET A 144 -29.62 2.18 15.38
C MET A 144 -29.05 2.53 14.01
N THR A 145 -29.63 3.52 13.33
CA THR A 145 -29.06 3.97 12.08
C THR A 145 -27.64 4.49 12.28
N VAL A 146 -27.42 5.20 13.40
CA VAL A 146 -26.14 5.81 13.70
C VAL A 146 -25.11 4.75 14.12
N ASP A 147 -25.55 3.74 14.89
CA ASP A 147 -24.69 2.60 15.19
C ASP A 147 -24.37 1.78 13.95
N GLY A 148 -25.33 1.67 13.02
CA GLY A 148 -25.06 0.96 11.78
C GLY A 148 -24.14 1.73 10.87
N ILE A 149 -24.36 3.02 10.71
CA ILE A 149 -23.41 3.85 9.99
C ILE A 149 -22.00 3.58 10.47
N ASN A 150 -21.82 3.49 11.80
CA ASN A 150 -20.48 3.36 12.36
C ASN A 150 -19.86 2.01 12.06
N GLN A 151 -20.68 1.00 11.75
CA GLN A 151 -20.14 -0.32 11.47
C GLN A 151 -19.78 -0.51 10.01
N PHE A 152 -20.47 0.16 9.10
CA PHE A 152 -20.28 -0.08 7.68
C PHE A 152 -19.69 1.11 6.95
N THR A 153 -20.20 2.31 7.19
CA THR A 153 -19.53 3.48 6.60
C THR A 153 -18.08 3.56 7.03
N SER A 154 -17.79 3.22 8.29
CA SER A 154 -16.42 3.36 8.80
C SER A 154 -15.44 2.53 8.00
N ILE A 155 -15.68 1.22 7.89
CA ILE A 155 -14.69 0.43 7.17
C ILE A 155 -14.78 0.68 5.67
N PHE A 156 -15.97 0.97 5.14
CA PHE A 156 -16.08 1.34 3.74
C PHE A 156 -15.23 2.57 3.41
N CYS A 157 -15.02 3.46 4.39
CA CYS A 157 -14.07 4.54 4.20
C CYS A 157 -12.65 4.01 4.23
N LEU A 158 -12.39 3.01 5.05
CA LEU A 158 -11.03 2.47 5.13
C LEU A 158 -10.66 1.67 3.90
N THR A 159 -11.63 1.04 3.22
CA THR A 159 -11.30 0.29 2.01
C THR A 159 -10.98 1.24 0.87
N VAL A 160 -11.86 2.21 0.64
CA VAL A 160 -11.55 3.27 -0.32
C VAL A 160 -10.21 3.96 -0.01
N MET A 161 -9.85 4.08 1.26
CA MET A 161 -8.57 4.73 1.59
C MET A 161 -7.38 3.94 1.09
N SER A 162 -7.46 2.61 1.20
CA SER A 162 -6.35 1.74 0.83
C SER A 162 -6.28 1.55 -0.67
N ILE A 163 -7.42 1.34 -1.34
CA ILE A 163 -7.42 1.36 -2.79
C ILE A 163 -6.71 2.62 -3.28
N ASP A 164 -7.02 3.76 -2.68
CA ASP A 164 -6.32 4.99 -3.04
C ASP A 164 -4.82 4.86 -2.82
N ARG A 165 -4.41 4.22 -1.72
CA ARG A 165 -2.98 4.02 -1.44
C ARG A 165 -2.35 3.13 -2.49
N TYR A 166 -3.02 2.02 -2.82
CA TYR A 166 -2.61 1.17 -3.93
C TYR A 166 -2.37 2.00 -5.19
N LEU A 167 -3.40 2.72 -5.65
CA LEU A 167 -3.29 3.40 -6.92
C LEU A 167 -2.14 4.39 -6.94
N ALA A 168 -1.85 5.04 -5.82
CA ALA A 168 -0.83 6.08 -5.82
C ALA A 168 0.59 5.54 -5.70
N VAL A 169 0.76 4.33 -5.15
CA VAL A 169 2.07 3.70 -5.09
C VAL A 169 2.30 2.80 -6.29
N VAL A 170 1.43 1.83 -6.44
CA VAL A 170 1.52 0.90 -7.53
C VAL A 170 1.31 1.46 -8.91
N HIS A 171 0.32 2.30 -9.09
CA HIS A 171 0.03 2.84 -10.40
C HIS A 171 -0.04 4.32 -10.34
N PRO A 172 1.05 4.96 -10.01
CA PRO A 172 1.14 6.41 -9.91
C PRO A 172 0.91 7.04 -11.25
N ILE A 173 1.45 6.43 -12.29
CA ILE A 173 1.28 6.87 -13.64
C ILE A 173 -0.07 6.80 -14.32
N LYS A 174 -0.73 5.67 -14.20
CA LYS A 174 -1.94 5.43 -14.95
C LYS A 174 -3.22 5.83 -14.30
N SER A 175 -3.12 6.47 -13.15
CA SER A 175 -4.31 6.94 -12.51
C SER A 175 -3.99 8.21 -11.78
N ALA A 176 -3.63 9.25 -12.50
CA ALA A 176 -3.37 10.51 -11.84
C ALA A 176 -4.63 11.34 -11.93
N LYS A 177 -5.33 11.18 -13.04
CA LYS A 177 -6.60 11.87 -13.26
C LYS A 177 -7.64 11.33 -12.33
N TRP A 178 -7.59 10.04 -12.09
CA TRP A 178 -8.51 9.40 -11.18
C TRP A 178 -8.32 9.94 -9.76
N ARG A 179 -7.08 10.19 -9.35
CA ARG A 179 -6.79 10.73 -8.03
C ARG A 179 -6.81 12.23 -7.91
N ARG A 180 -7.97 12.82 -8.12
CA ARG A 180 -8.24 14.25 -7.96
C ARG A 180 -9.34 14.45 -6.92
N PRO A 181 -9.33 15.56 -6.17
CA PRO A 181 -10.32 15.73 -5.09
C PRO A 181 -11.77 15.75 -5.54
N ARG A 182 -12.08 16.15 -6.77
CA ARG A 182 -13.45 16.04 -7.25
C ARG A 182 -13.88 14.59 -7.33
N THR A 183 -12.96 13.70 -7.66
CA THR A 183 -13.26 12.28 -7.68
C THR A 183 -13.31 11.68 -6.27
N ALA A 184 -12.48 12.19 -5.36
CA ALA A 184 -12.61 11.81 -3.96
C ALA A 184 -13.98 12.20 -3.41
N LYS A 185 -14.38 13.46 -3.63
CA LYS A 185 -15.69 13.93 -3.16
C LYS A 185 -16.82 13.16 -3.83
N MET A 186 -16.72 12.92 -5.14
CA MET A 186 -17.73 12.10 -5.80
C MET A 186 -17.76 10.69 -5.24
N ILE A 187 -16.58 10.13 -4.96
CA ILE A 187 -16.50 8.78 -4.42
C ILE A 187 -17.06 8.72 -3.01
N THR A 188 -16.82 9.76 -2.22
CA THR A 188 -17.25 9.69 -0.83
C THR A 188 -18.75 9.90 -0.66
N MET A 189 -19.43 10.56 -1.61
CA MET A 189 -20.89 10.50 -1.64
C MET A 189 -21.37 9.14 -2.11
N ALA A 190 -20.50 8.35 -2.73
CA ALA A 190 -20.89 6.98 -3.03
C ALA A 190 -20.67 6.04 -1.86
N VAL A 191 -19.74 6.38 -0.94
CA VAL A 191 -19.57 5.57 0.26
C VAL A 191 -20.81 5.64 1.13
N TRP A 192 -21.45 6.81 1.22
CA TRP A 192 -22.66 6.91 2.03
C TRP A 192 -23.81 6.15 1.40
N GLY A 193 -24.05 6.36 0.10
CA GLY A 193 -25.16 5.70 -0.57
C GLY A 193 -25.17 4.19 -0.38
N VAL A 194 -23.99 3.56 -0.42
CA VAL A 194 -23.99 2.11 -0.29
C VAL A 194 -24.05 1.69 1.18
N SER A 195 -23.56 2.52 2.10
CA SER A 195 -23.76 2.21 3.51
C SER A 195 -25.24 2.21 3.85
N LEU A 196 -25.97 3.24 3.43
CA LEU A 196 -27.39 3.31 3.72
C LEU A 196 -28.18 2.21 3.02
N LEU A 197 -27.74 1.79 1.83
CA LEU A 197 -28.31 0.59 1.24
C LEU A 197 -28.02 -0.64 2.11
N VAL A 198 -26.79 -0.74 2.62
CA VAL A 198 -26.40 -1.92 3.40
C VAL A 198 -27.14 -1.97 4.73
N ILE A 199 -27.38 -0.82 5.37
CA ILE A 199 -27.98 -0.83 6.69
C ILE A 199 -29.50 -0.69 6.62
N LEU A 200 -30.09 -0.89 5.43
CA LEU A 200 -31.54 -0.82 5.31
C LEU A 200 -32.29 -1.79 6.21
N PRO A 201 -31.85 -3.03 6.42
CA PRO A 201 -32.54 -3.87 7.41
C PRO A 201 -32.56 -3.24 8.80
N ILE A 202 -31.47 -2.56 9.19
CA ILE A 202 -31.43 -1.91 10.49
C ILE A 202 -32.39 -0.72 10.53
N MET A 203 -32.35 0.11 9.49
CA MET A 203 -33.20 1.30 9.43
C MET A 203 -34.66 0.93 9.43
N ILE A 204 -35.07 0.08 8.48
CA ILE A 204 -36.46 -0.32 8.34
C ILE A 204 -36.97 -0.96 9.63
N TYR A 205 -36.24 -1.96 10.15
CA TYR A 205 -36.73 -2.79 11.24
C TYR A 205 -36.27 -2.33 12.63
N ALA A 206 -35.78 -1.10 12.77
CA ALA A 206 -35.44 -0.63 14.11
C ALA A 206 -36.71 -0.35 14.91
N GLY A 207 -36.75 -0.84 16.14
CA GLY A 207 -37.91 -0.59 16.98
C GLY A 207 -37.68 -1.09 18.38
N LEU A 208 -38.68 -0.87 19.22
CA LEU A 208 -38.68 -1.31 20.61
C LEU A 208 -39.25 -2.71 20.75
N ARG A 209 -38.51 -3.57 21.44
CA ARG A 209 -39.00 -4.86 21.93
C ARG A 209 -39.05 -4.80 23.45
N SER A 210 -40.18 -5.22 24.03
CA SER A 210 -40.39 -5.15 25.47
C SER A 210 -40.63 -6.53 26.04
N ASN A 211 -39.96 -6.84 27.17
CA ASN A 211 -40.07 -8.15 27.80
C ASN A 211 -41.29 -8.19 28.73
N GLN A 212 -41.51 -9.36 29.34
CA GLN A 212 -42.73 -9.59 30.13
C GLN A 212 -42.73 -8.79 31.41
N TRP A 213 -41.57 -8.33 31.84
CA TRP A 213 -41.45 -7.53 33.05
C TRP A 213 -41.46 -6.05 32.73
N GLY A 214 -41.97 -5.67 31.57
CA GLY A 214 -42.23 -4.30 31.21
C GLY A 214 -41.06 -3.49 30.72
N ARG A 215 -39.87 -4.08 30.62
CA ARG A 215 -38.67 -3.34 30.25
C ARG A 215 -38.48 -3.44 28.74
N SER A 216 -38.43 -2.30 28.07
CA SER A 216 -38.21 -2.30 26.63
C SER A 216 -36.72 -2.16 26.33
N SER A 217 -36.27 -2.92 25.34
CA SER A 217 -34.93 -2.82 24.80
C SER A 217 -35.01 -2.36 23.35
N CYS A 218 -34.17 -1.41 22.95
CA CYS A 218 -34.09 -0.92 21.58
C CYS A 218 -33.19 -1.81 20.76
N THR A 219 -33.70 -2.29 19.65
CA THR A 219 -33.07 -3.35 18.90
C THR A 219 -33.61 -3.35 17.47
N ILE A 220 -33.39 -4.44 16.76
CA ILE A 220 -33.97 -4.65 15.44
C ILE A 220 -34.98 -5.79 15.55
N ASN A 221 -36.26 -5.45 15.63
CA ASN A 221 -37.30 -6.46 15.67
C ASN A 221 -37.50 -7.00 14.27
N TRP A 222 -36.89 -8.14 13.99
CA TRP A 222 -37.09 -8.78 12.72
C TRP A 222 -38.48 -9.34 12.72
N PRO A 223 -39.13 -9.40 11.57
CA PRO A 223 -40.51 -9.85 11.39
C PRO A 223 -40.83 -11.30 11.73
N GLY A 224 -39.94 -12.23 11.44
CA GLY A 224 -40.19 -13.63 11.70
C GLY A 224 -39.88 -14.09 13.10
N GLU A 225 -39.49 -15.35 13.24
CA GLU A 225 -39.12 -15.90 14.53
C GLU A 225 -37.81 -15.24 14.99
N SER A 226 -37.60 -15.20 16.29
CA SER A 226 -36.48 -14.42 16.79
C SER A 226 -35.10 -14.75 16.31
N GLY A 227 -34.74 -16.01 16.28
CA GLY A 227 -33.41 -16.33 15.83
C GLY A 227 -33.36 -16.63 14.36
N ALA A 228 -34.50 -16.63 13.73
CA ALA A 228 -34.52 -16.94 12.34
C ALA A 228 -33.74 -15.94 11.55
N TRP A 229 -33.98 -14.68 11.84
CA TRP A 229 -33.30 -13.63 11.13
C TRP A 229 -31.96 -13.32 11.73
N TYR A 230 -31.70 -13.82 12.93
CA TYR A 230 -30.42 -13.56 13.58
C TYR A 230 -29.26 -14.17 12.81
N THR A 231 -29.34 -15.49 12.55
CA THR A 231 -28.24 -16.13 11.82
C THR A 231 -28.13 -15.54 10.42
N GLY A 232 -29.26 -15.26 9.78
CA GLY A 232 -29.21 -14.57 8.51
C GLY A 232 -28.49 -13.24 8.63
N PHE A 233 -28.86 -12.44 9.63
CA PHE A 233 -28.35 -11.09 9.71
C PHE A 233 -26.84 -11.06 9.94
N ILE A 234 -26.35 -11.78 10.95
CA ILE A 234 -24.93 -11.64 11.27
C ILE A 234 -24.07 -12.05 10.08
N ILE A 235 -24.51 -13.03 9.30
CA ILE A 235 -23.70 -13.47 8.16
C ILE A 235 -23.70 -12.43 7.07
N TYR A 236 -24.83 -11.79 6.86
CA TYR A 236 -24.86 -10.61 6.00
C TYR A 236 -23.85 -9.56 6.47
N THR A 237 -23.94 -9.16 7.76
CA THR A 237 -23.05 -8.14 8.31
C THR A 237 -21.59 -8.58 8.29
N PHE A 238 -21.34 -9.84 8.62
CA PHE A 238 -19.98 -10.38 8.60
C PHE A 238 -19.37 -10.28 7.20
N ILE A 239 -20.15 -10.62 6.19
CA ILE A 239 -19.64 -10.60 4.82
C ILE A 239 -19.50 -9.18 4.28
N LEU A 240 -20.44 -8.30 4.60
CA LEU A 240 -20.35 -6.95 4.06
C LEU A 240 -19.38 -6.09 4.87
N GLY A 241 -19.40 -6.20 6.20
CA GLY A 241 -18.64 -5.30 7.02
C GLY A 241 -17.29 -5.80 7.43
N PHE A 242 -16.96 -7.05 7.12
CA PHE A 242 -15.65 -7.51 7.49
C PHE A 242 -14.95 -8.27 6.37
N LEU A 243 -15.59 -9.34 5.88
CA LEU A 243 -14.95 -10.20 4.90
C LEU A 243 -14.60 -9.44 3.61
N VAL A 244 -15.60 -9.15 2.76
CA VAL A 244 -15.31 -8.51 1.49
C VAL A 244 -14.39 -7.31 1.63
N PRO A 245 -14.67 -6.30 2.49
CA PRO A 245 -13.73 -5.17 2.62
C PRO A 245 -12.30 -5.54 3.03
N LEU A 246 -12.12 -6.52 3.89
CA LEU A 246 -10.75 -6.88 4.28
C LEU A 246 -10.05 -7.68 3.18
N THR A 247 -10.78 -8.58 2.51
CA THR A 247 -10.27 -9.17 1.28
C THR A 247 -9.73 -8.10 0.34
N ILE A 248 -10.57 -7.10 0.03
CA ILE A 248 -10.10 -5.94 -0.74
C ILE A 248 -8.87 -5.33 -0.08
N ILE A 249 -9.00 -4.91 1.18
CA ILE A 249 -7.95 -4.09 1.78
C ILE A 249 -6.61 -4.81 1.72
N CYS A 250 -6.58 -6.07 2.18
CA CYS A 250 -5.30 -6.71 2.43
C CYS A 250 -4.57 -7.06 1.14
N LEU A 251 -5.27 -7.37 0.06
CA LEU A 251 -4.53 -7.57 -1.17
C LEU A 251 -4.09 -6.26 -1.81
N CYS A 252 -4.75 -5.14 -1.49
CA CYS A 252 -4.18 -3.83 -1.83
C CYS A 252 -2.80 -3.67 -1.23
N TYR A 253 -2.62 -4.08 0.02
CA TYR A 253 -1.31 -3.89 0.65
C TYR A 253 -0.33 -4.99 0.28
N LEU A 254 -0.83 -6.12 -0.21
CA LEU A 254 0.07 -7.06 -0.84
C LEU A 254 0.76 -6.41 -2.02
N PHE A 255 -0.02 -5.97 -3.02
CA PHE A 255 0.58 -5.41 -4.23
C PHE A 255 1.39 -4.17 -3.94
N ILE A 256 1.06 -3.46 -2.86
CA ILE A 256 1.87 -2.32 -2.46
C ILE A 256 3.20 -2.81 -1.90
N ILE A 257 3.17 -3.87 -1.08
CA ILE A 257 4.41 -4.44 -0.54
C ILE A 257 5.32 -4.88 -1.67
N ILE A 258 4.75 -5.45 -2.72
CA ILE A 258 5.57 -5.92 -3.84
C ILE A 258 6.24 -4.74 -4.56
N LYS A 259 5.49 -3.66 -4.85
CA LYS A 259 6.08 -2.52 -5.55
C LYS A 259 7.09 -1.79 -4.66
N VAL A 260 6.83 -1.71 -3.37
CA VAL A 260 7.83 -1.15 -2.46
C VAL A 260 9.07 -2.05 -2.39
N LYS A 261 8.90 -3.37 -2.48
CA LYS A 261 10.03 -4.28 -2.25
C LYS A 261 10.89 -4.42 -3.49
N SER A 262 10.30 -4.24 -4.68
CA SER A 262 11.05 -4.40 -5.93
C SER A 262 11.55 -3.08 -6.50
N ALA A 263 11.51 -2.00 -5.72
CA ALA A 263 11.95 -0.71 -6.23
C ALA A 263 13.46 -0.59 -6.16
N SER A 264 14.05 -0.93 -5.01
CA SER A 264 15.48 -0.88 -4.82
C SER A 264 16.14 -2.14 -5.37
N THR A 265 17.45 -2.06 -5.57
CA THR A 265 18.20 -3.19 -6.04
C THR A 265 18.39 -4.20 -4.92
N ASP A 266 18.49 -5.47 -5.30
CA ASP A 266 18.61 -6.54 -4.34
C ASP A 266 19.69 -7.54 -4.70
N TYR A 267 20.39 -7.35 -5.82
CA TYR A 267 21.38 -8.28 -6.32
C TYR A 267 22.70 -7.53 -6.49
N TRP A 268 23.78 -8.11 -5.96
CA TRP A 268 25.13 -7.57 -6.13
C TRP A 268 25.96 -8.58 -6.90
N GLN A 269 26.59 -8.13 -7.98
CA GLN A 269 27.38 -8.99 -8.84
C GLN A 269 28.79 -8.44 -8.89
N ASN A 270 29.76 -9.30 -8.67
CA ASN A 270 31.17 -8.92 -8.61
C ASN A 270 31.98 -10.12 -9.10
N TRP A 271 32.19 -10.18 -10.41
CA TRP A 271 32.78 -11.34 -11.09
C TRP A 271 34.09 -10.94 -11.73
N THR A 272 35.20 -11.22 -11.06
CA THR A 272 36.52 -10.94 -11.62
C THR A 272 37.09 -12.25 -12.13
N PHE A 273 37.23 -12.33 -13.44
CA PHE A 273 37.96 -13.42 -14.05
C PHE A 273 39.38 -12.94 -14.34
N GLY A 274 40.35 -13.79 -14.07
CA GLY A 274 41.68 -13.56 -14.63
C GLY A 274 42.58 -12.68 -13.79
N GLY A 275 43.65 -12.21 -14.43
CA GLY A 275 44.67 -11.43 -13.76
C GLY A 275 44.28 -9.96 -13.59
N GLY A 276 45.29 -9.14 -13.29
CA GLY A 276 45.10 -7.72 -13.06
C GLY A 276 44.51 -7.41 -11.69
N ILE A 277 44.09 -6.16 -11.53
CA ILE A 277 43.51 -5.68 -10.29
C ILE A 277 42.06 -5.27 -10.55
N VAL A 278 41.13 -5.81 -9.77
CA VAL A 278 39.74 -5.35 -9.79
C VAL A 278 39.27 -5.19 -8.35
N ASN A 279 39.27 -3.96 -7.86
CA ASN A 279 38.74 -3.64 -6.55
C ASN A 279 37.29 -3.21 -6.68
N ALA A 280 36.37 -4.08 -6.26
CA ALA A 280 34.94 -3.79 -6.33
C ALA A 280 34.41 -3.43 -4.94
N VAL A 281 33.67 -2.33 -4.87
CA VAL A 281 33.14 -1.83 -3.60
C VAL A 281 31.63 -1.94 -3.57
N ASN A 282 31.10 -2.56 -2.52
CA ASN A 282 29.67 -2.73 -2.28
C ASN A 282 29.16 -1.68 -1.31
N GLY A 283 28.64 -0.58 -1.81
CA GLY A 283 28.22 0.53 -0.97
C GLY A 283 26.78 0.45 -0.52
N SER A 284 26.32 1.57 0.04
CA SER A 284 24.98 1.65 0.59
C SER A 284 23.97 1.80 -0.53
N GLY A 285 22.83 1.13 -0.37
CA GLY A 285 21.75 1.27 -1.35
C GLY A 285 22.14 0.64 -2.67
N GLY A 286 21.90 1.37 -3.74
CA GLY A 286 22.31 0.88 -5.04
C GLY A 286 23.67 1.37 -5.47
N ASN A 287 24.52 1.73 -4.51
CA ASN A 287 25.84 2.25 -4.85
C ASN A 287 26.89 1.16 -4.92
N TYR A 288 27.83 1.31 -5.86
CA TYR A 288 28.97 0.43 -5.98
C TYR A 288 30.04 1.18 -6.77
N SER A 289 31.30 0.79 -6.56
CA SER A 289 32.35 1.36 -7.40
C SER A 289 33.33 0.27 -7.76
N VAL A 290 34.08 0.53 -8.84
CA VAL A 290 35.14 -0.36 -9.31
C VAL A 290 36.40 0.45 -9.53
N ASN A 291 37.51 -0.15 -9.19
CA ASN A 291 38.83 0.38 -9.49
C ASN A 291 39.63 -0.76 -10.04
N TRP A 292 40.04 -0.65 -11.28
CA TRP A 292 40.64 -1.76 -11.96
C TRP A 292 41.80 -1.26 -12.78
N SER A 293 42.87 -2.04 -12.80
CA SER A 293 43.83 -2.07 -13.89
C SER A 293 44.11 -3.53 -14.15
N ASN A 294 43.64 -4.01 -15.28
CA ASN A 294 43.31 -5.40 -15.45
C ASN A 294 44.16 -6.05 -16.53
N THR A 295 44.10 -7.38 -16.54
CA THR A 295 44.42 -8.18 -17.72
C THR A 295 43.34 -9.20 -18.07
N GLY A 296 42.28 -9.34 -17.28
CA GLY A 296 41.20 -10.26 -17.60
C GLY A 296 39.92 -9.58 -18.05
N ASN A 297 38.79 -10.16 -17.71
CA ASN A 297 37.47 -9.61 -17.99
C ASN A 297 36.70 -9.54 -16.68
N PHE A 298 35.92 -8.48 -16.49
CA PHE A 298 35.19 -8.34 -15.25
C PHE A 298 33.83 -7.72 -15.49
N VAL A 299 32.89 -8.10 -14.63
CA VAL A 299 31.60 -7.46 -14.62
C VAL A 299 31.21 -7.23 -13.15
N VAL A 300 31.02 -5.96 -12.79
CA VAL A 300 30.55 -5.52 -11.47
C VAL A 300 29.27 -4.72 -11.64
N GLY A 301 28.23 -5.10 -10.92
CA GLY A 301 27.11 -4.19 -10.85
C GLY A 301 25.97 -4.54 -9.93
N LYS A 302 25.04 -3.62 -9.75
CA LYS A 302 23.91 -3.87 -8.89
C LYS A 302 22.62 -3.80 -9.70
N GLY A 303 21.67 -4.64 -9.33
CA GLY A 303 20.43 -4.74 -10.06
C GLY A 303 19.43 -5.68 -9.42
N TRP A 304 18.70 -6.38 -10.25
CA TRP A 304 17.57 -7.16 -9.79
C TRP A 304 17.80 -8.60 -10.13
N THR A 305 17.55 -9.48 -9.15
CA THR A 305 17.69 -10.89 -9.43
C THR A 305 16.66 -11.38 -10.44
N THR A 306 15.53 -10.69 -10.58
CA THR A 306 14.48 -11.03 -11.54
C THR A 306 14.16 -9.79 -12.40
N GLY A 307 14.72 -9.76 -13.61
CA GLY A 307 14.50 -8.64 -14.49
C GLY A 307 13.07 -8.58 -14.97
N SER A 308 12.75 -7.46 -15.60
CA SER A 308 11.41 -7.13 -16.02
C SER A 308 11.51 -6.35 -17.32
N PRO A 309 10.63 -6.62 -18.27
CA PRO A 309 10.57 -5.79 -19.48
C PRO A 309 9.78 -4.50 -19.34
N PHE A 310 9.26 -4.18 -18.16
CA PHE A 310 8.61 -2.90 -17.88
C PHE A 310 9.36 -2.06 -16.87
N ARG A 311 10.40 -2.61 -16.25
CA ARG A 311 11.18 -1.83 -15.31
C ARG A 311 11.86 -0.69 -16.05
N THR A 312 11.79 0.50 -15.49
CA THR A 312 12.55 1.62 -15.99
C THR A 312 13.70 1.78 -15.02
N ILE A 313 14.92 1.62 -15.51
CA ILE A 313 16.09 1.57 -14.65
C ILE A 313 16.68 2.98 -14.59
N ASN A 314 16.99 3.43 -13.37
CA ASN A 314 17.62 4.71 -13.13
C ASN A 314 19.02 4.48 -12.59
N TYR A 315 19.90 5.45 -12.84
CA TYR A 315 21.27 5.36 -12.32
C TYR A 315 21.92 6.73 -12.38
N ASN A 316 23.07 6.84 -11.72
CA ASN A 316 23.87 8.05 -11.70
C ASN A 316 25.33 7.60 -11.59
N ALA A 317 26.12 7.95 -12.58
CA ALA A 317 27.50 7.51 -12.67
C ALA A 317 28.37 8.67 -12.18
N GLY A 318 28.56 8.75 -10.87
CA GLY A 318 29.37 9.81 -10.31
C GLY A 318 30.77 9.86 -10.89
N VAL A 319 31.31 8.72 -11.29
CA VAL A 319 32.61 8.61 -11.92
C VAL A 319 32.47 7.59 -13.04
N TRP A 320 32.87 7.95 -14.26
CA TRP A 320 32.90 7.00 -15.36
C TRP A 320 34.12 7.39 -16.17
N ALA A 321 35.27 6.83 -15.78
CA ALA A 321 36.58 7.23 -16.30
C ALA A 321 37.28 5.95 -16.73
N PRO A 322 36.90 5.36 -17.86
CA PRO A 322 37.65 4.22 -18.35
C PRO A 322 38.90 4.68 -19.07
N ASN A 323 39.96 3.92 -18.91
CA ASN A 323 41.15 4.03 -19.75
C ASN A 323 41.32 2.65 -20.38
N GLY A 324 40.80 2.49 -21.62
CA GLY A 324 40.81 1.22 -22.29
C GLY A 324 39.41 0.75 -22.60
N ASN A 325 39.24 -0.57 -22.61
CA ASN A 325 37.96 -1.16 -22.97
C ASN A 325 37.10 -1.30 -21.72
N GLY A 326 36.08 -0.46 -21.60
CA GLY A 326 35.08 -0.69 -20.58
C GLY A 326 33.74 -0.25 -21.10
N TYR A 327 32.68 -0.94 -20.70
CA TYR A 327 31.31 -0.56 -21.03
C TYR A 327 30.57 -0.10 -19.77
N LEU A 328 29.79 0.96 -19.90
CA LEU A 328 28.75 1.29 -18.93
C LEU A 328 27.43 0.87 -19.54
N THR A 329 26.72 -0.05 -18.91
CA THR A 329 25.62 -0.69 -19.62
C THR A 329 24.72 -1.43 -18.65
N LEU A 330 23.45 -1.49 -19.02
CA LEU A 330 22.48 -2.40 -18.46
C LEU A 330 22.49 -3.69 -19.26
N TYR A 331 22.25 -4.80 -18.59
CA TYR A 331 22.35 -6.08 -19.26
C TYR A 331 21.67 -7.15 -18.41
N GLY A 332 21.33 -8.27 -19.04
CA GLY A 332 20.64 -9.33 -18.32
C GLY A 332 20.34 -10.48 -19.24
N TRP A 333 19.57 -11.44 -18.72
CA TRP A 333 19.24 -12.65 -19.45
C TRP A 333 17.75 -12.96 -19.41
N THR A 334 17.27 -13.58 -20.47
CA THR A 334 16.06 -14.37 -20.43
C THR A 334 16.42 -15.80 -20.77
N ARG A 335 15.55 -16.72 -20.40
CA ARG A 335 15.56 -18.07 -20.93
C ARG A 335 14.25 -18.29 -21.66
N SER A 336 14.15 -19.39 -22.38
CA SER A 336 12.94 -19.76 -23.11
C SER A 336 12.49 -18.64 -24.06
N PRO A 337 13.31 -18.29 -25.06
CA PRO A 337 14.66 -18.75 -25.38
C PRO A 337 15.77 -18.00 -24.63
N LEU A 338 16.96 -18.58 -24.68
CA LEU A 338 18.12 -18.09 -23.92
C LEU A 338 18.68 -16.90 -24.66
N ILE A 339 18.52 -15.70 -24.09
CA ILE A 339 19.01 -14.48 -24.73
C ILE A 339 19.67 -13.63 -23.66
N GLU A 340 20.86 -13.13 -23.96
CA GLU A 340 21.52 -12.10 -23.18
C GLU A 340 21.35 -10.76 -23.90
N TYR A 341 20.97 -9.70 -23.18
CA TYR A 341 20.75 -8.40 -23.79
C TYR A 341 21.57 -7.30 -23.13
N TYR A 342 21.87 -6.26 -23.92
CA TYR A 342 22.61 -5.09 -23.48
C TYR A 342 21.94 -3.81 -23.96
N VAL A 343 21.96 -2.81 -23.10
CA VAL A 343 21.69 -1.42 -23.44
C VAL A 343 22.93 -0.65 -23.00
N VAL A 344 23.81 -0.30 -23.93
CA VAL A 344 25.08 0.31 -23.59
C VAL A 344 24.94 1.82 -23.67
N ASP A 345 25.34 2.54 -22.61
CA ASP A 345 25.23 4.00 -22.63
C ASP A 345 26.56 4.69 -22.77
N SER A 346 27.64 4.11 -22.26
CA SER A 346 28.93 4.74 -22.45
C SER A 346 29.95 3.61 -22.60
N TRP A 347 31.13 3.96 -23.11
CA TRP A 347 32.16 2.95 -23.33
C TRP A 347 33.53 3.59 -23.12
N GLY A 348 34.57 2.80 -23.30
CA GLY A 348 35.94 3.31 -23.26
C GLY A 348 36.49 3.67 -24.62
N THR A 349 37.51 2.95 -25.09
CA THR A 349 38.11 3.17 -26.41
C THR A 349 37.46 2.36 -27.53
N TYR A 350 36.42 1.56 -27.23
CA TYR A 350 35.83 0.66 -28.20
C TYR A 350 34.32 0.60 -27.99
N ARG A 351 33.59 1.11 -28.97
CA ARG A 351 32.13 1.03 -29.05
C ARG A 351 31.67 -0.35 -29.56
N PRO A 352 30.95 -1.14 -28.76
CA PRO A 352 30.58 -2.49 -29.21
C PRO A 352 29.55 -2.46 -30.32
N THR A 353 29.70 -3.37 -31.29
CA THR A 353 28.74 -3.52 -32.38
C THR A 353 28.40 -4.97 -32.64
N GLY A 354 27.97 -5.26 -33.86
CA GLY A 354 27.42 -6.56 -34.21
C GLY A 354 26.68 -6.44 -35.53
N THR A 355 25.68 -7.30 -35.71
CA THR A 355 24.89 -7.23 -36.93
C THR A 355 23.85 -6.13 -36.81
N TYR A 356 24.10 -5.04 -37.54
CA TYR A 356 23.24 -3.87 -37.50
C TYR A 356 21.82 -4.23 -37.88
N LYS A 357 20.88 -3.54 -37.25
CA LYS A 357 19.46 -3.84 -37.44
C LYS A 357 18.58 -2.60 -37.58
N GLY A 358 18.94 -1.46 -37.02
CA GLY A 358 18.03 -0.34 -36.99
C GLY A 358 18.40 0.58 -35.84
N THR A 359 17.55 1.58 -35.64
CA THR A 359 17.70 2.53 -34.55
C THR A 359 16.44 2.61 -33.69
N VAL A 360 16.64 3.14 -32.49
CA VAL A 360 15.56 3.44 -31.55
C VAL A 360 15.94 4.72 -30.83
N LYS A 361 14.95 5.58 -30.57
CA LYS A 361 15.15 6.78 -29.75
C LYS A 361 14.54 6.55 -28.37
N SER A 362 15.36 6.66 -27.33
CA SER A 362 14.82 6.51 -26.00
C SER A 362 15.62 7.38 -25.05
N ASP A 363 14.92 7.95 -24.07
CA ASP A 363 15.54 8.69 -22.97
C ASP A 363 16.49 9.75 -23.50
N GLY A 364 16.01 10.55 -24.45
CA GLY A 364 16.77 11.67 -24.99
C GLY A 364 17.71 11.32 -26.13
N GLY A 365 18.30 10.12 -26.07
CA GLY A 365 19.33 9.71 -26.98
C GLY A 365 18.86 8.71 -28.03
N THR A 366 19.79 8.34 -28.90
CA THR A 366 19.49 7.50 -30.06
C THR A 366 20.50 6.35 -30.16
N TYR A 367 19.98 5.11 -30.20
CA TYR A 367 20.74 3.85 -30.16
C TYR A 367 20.58 3.06 -31.47
N ASP A 368 21.63 2.33 -31.83
CA ASP A 368 21.59 1.33 -32.89
C ASP A 368 21.28 -0.03 -32.30
N ILE A 369 20.53 -0.83 -33.03
CA ILE A 369 20.22 -2.20 -32.62
C ILE A 369 21.17 -3.14 -33.37
N TYR A 370 21.79 -4.07 -32.63
CA TYR A 370 22.66 -5.11 -33.18
C TYR A 370 22.27 -6.44 -32.58
N THR A 371 22.50 -7.51 -33.34
CA THR A 371 22.50 -8.86 -32.82
C THR A 371 23.84 -9.51 -33.08
N THR A 372 24.24 -10.37 -32.16
CA THR A 372 25.38 -11.25 -32.27
C THR A 372 24.93 -12.62 -31.79
N THR A 373 25.65 -13.67 -32.19
CA THR A 373 25.42 -15.04 -31.73
C THR A 373 26.71 -15.60 -31.16
N ARG A 374 26.65 -16.06 -29.92
CA ARG A 374 27.83 -16.56 -29.25
C ARG A 374 27.80 -18.09 -29.23
N TYR A 375 28.79 -18.70 -29.90
CA TYR A 375 28.86 -20.14 -30.09
C TYR A 375 29.79 -20.76 -29.06
N ASN A 376 29.32 -21.81 -28.39
CA ASN A 376 30.12 -22.53 -27.39
C ASN A 376 30.63 -21.61 -26.30
N ALA A 377 29.78 -20.69 -25.88
CA ALA A 377 30.13 -19.69 -24.89
C ALA A 377 29.41 -20.01 -23.57
N PRO A 378 29.97 -19.58 -22.45
CA PRO A 378 29.29 -19.77 -21.16
C PRO A 378 28.07 -18.86 -21.02
N SER A 379 27.06 -19.39 -20.33
CA SER A 379 25.81 -18.68 -20.15
C SER A 379 25.29 -18.96 -18.74
N ILE A 380 24.08 -18.47 -18.45
CA ILE A 380 23.40 -18.89 -17.23
C ILE A 380 22.91 -20.31 -17.35
N ASP A 381 22.84 -20.84 -18.57
CA ASP A 381 22.37 -22.20 -18.80
C ASP A 381 23.52 -23.22 -18.82
N GLY A 382 24.77 -22.77 -18.77
CA GLY A 382 25.88 -23.70 -18.69
C GLY A 382 27.12 -23.12 -19.34
N ASP A 383 28.18 -23.95 -19.35
CA ASP A 383 29.49 -23.49 -19.78
C ASP A 383 29.64 -23.48 -21.30
N ASP A 384 28.77 -24.17 -22.02
CA ASP A 384 28.98 -24.41 -23.43
C ASP A 384 27.68 -24.32 -24.24
N THR A 385 26.89 -23.30 -23.99
CA THR A 385 25.67 -23.12 -24.77
C THR A 385 25.93 -22.24 -25.98
N THR A 386 24.90 -22.12 -26.82
CA THR A 386 24.89 -21.20 -27.94
C THR A 386 23.62 -20.37 -27.88
N PHE A 387 23.77 -19.05 -27.99
CA PHE A 387 22.67 -18.13 -27.78
C PHE A 387 22.91 -16.84 -28.54
N THR A 388 21.83 -16.07 -28.66
CA THR A 388 21.79 -14.77 -29.30
C THR A 388 21.93 -13.67 -28.25
N GLN A 389 22.42 -12.52 -28.71
CA GLN A 389 22.61 -11.34 -27.88
C GLN A 389 21.93 -10.17 -28.57
N TYR A 390 21.02 -9.51 -27.86
CA TYR A 390 20.41 -8.27 -28.36
C TYR A 390 21.11 -7.08 -27.73
N TRP A 391 21.49 -6.11 -28.55
CA TRP A 391 22.20 -4.93 -28.10
C TRP A 391 21.45 -3.66 -28.51
N SER A 392 21.40 -2.69 -27.60
CA SER A 392 21.13 -1.30 -27.97
C SER A 392 22.35 -0.53 -27.55
N VAL A 393 23.07 0.04 -28.52
CA VAL A 393 24.29 0.82 -28.26
C VAL A 393 24.01 2.25 -28.66
N ARG A 394 24.13 3.17 -27.71
CA ARG A 394 23.92 4.57 -28.03
C ARG A 394 24.84 5.01 -29.16
N GLN A 395 24.37 5.93 -30.01
CA GLN A 395 25.25 6.30 -31.10
C GLN A 395 26.40 7.18 -30.60
N SER A 396 26.23 7.82 -29.46
CA SER A 396 27.28 8.59 -28.82
C SER A 396 27.24 8.30 -27.32
N LYS A 397 28.39 8.52 -26.67
CA LYS A 397 28.52 8.33 -25.23
C LYS A 397 27.56 9.20 -24.45
N ARG A 398 26.85 8.60 -23.52
CA ARG A 398 25.89 9.35 -22.74
C ARG A 398 26.64 10.23 -21.76
N PRO A 399 26.27 11.50 -21.65
CA PRO A 399 26.82 12.33 -20.56
C PRO A 399 26.66 11.58 -19.25
N THR A 400 27.65 11.68 -18.39
CA THR A 400 27.57 11.09 -17.06
C THR A 400 27.67 12.18 -15.99
N GLY A 401 27.27 11.82 -14.77
CA GLY A 401 27.39 12.69 -13.62
C GLY A 401 26.07 13.02 -12.95
N SER A 402 24.95 12.90 -13.68
CA SER A 402 23.65 13.16 -13.07
C SER A 402 22.65 12.05 -13.42
N ASN A 403 21.46 12.15 -12.85
CA ASN A 403 20.47 11.10 -12.96
C ASN A 403 20.11 10.81 -14.42
N ALA A 404 20.27 9.55 -14.81
CA ALA A 404 20.02 9.08 -16.16
C ALA A 404 19.05 7.91 -16.11
N THR A 405 18.09 7.89 -17.01
CA THR A 405 17.05 6.87 -17.05
C THR A 405 17.22 5.99 -18.29
N ILE A 406 16.92 4.70 -18.12
CA ILE A 406 16.80 3.78 -19.23
C ILE A 406 15.38 3.25 -19.18
N THR A 407 14.56 3.67 -20.14
CA THR A 407 13.19 3.19 -20.19
C THR A 407 13.22 1.88 -20.95
N PHE A 408 13.32 0.78 -20.21
CA PHE A 408 13.64 -0.50 -20.83
C PHE A 408 12.58 -0.92 -21.86
N THR A 409 11.28 -0.66 -21.59
CA THR A 409 10.22 -1.05 -22.55
C THR A 409 10.56 -0.59 -23.96
N ASN A 410 11.04 0.65 -24.10
CA ASN A 410 11.32 1.20 -25.42
C ASN A 410 12.29 0.30 -26.18
N HIS A 411 13.22 -0.35 -25.47
CA HIS A 411 14.15 -1.25 -26.15
C HIS A 411 13.48 -2.56 -26.46
N VAL A 412 12.67 -3.07 -25.54
CA VAL A 412 11.93 -4.30 -25.79
C VAL A 412 11.02 -4.12 -27.01
N ASN A 413 10.20 -3.07 -27.02
CA ASN A 413 9.33 -2.82 -28.17
C ASN A 413 10.15 -2.76 -29.45
N ALA A 414 11.29 -2.05 -29.42
CA ALA A 414 12.10 -1.87 -30.62
C ALA A 414 12.60 -3.19 -31.16
N TRP A 415 13.19 -4.02 -30.28
CA TRP A 415 13.66 -5.32 -30.71
C TRP A 415 12.51 -6.16 -31.23
N LYS A 416 11.34 -6.04 -30.62
CA LYS A 416 10.21 -6.85 -31.08
C LYS A 416 9.82 -6.47 -32.51
N SER A 417 9.68 -5.17 -32.80
CA SER A 417 9.35 -4.75 -34.14
C SER A 417 10.36 -5.21 -35.18
N HIS A 418 11.54 -5.62 -34.75
CA HIS A 418 12.58 -6.15 -35.60
C HIS A 418 12.59 -7.66 -35.56
N GLY A 419 11.57 -8.25 -34.95
CA GLY A 419 11.51 -9.70 -34.77
C GLY A 419 12.49 -10.27 -33.77
N MET A 420 13.16 -9.45 -32.96
CA MET A 420 13.91 -9.94 -31.81
C MET A 420 12.98 -9.98 -30.61
N ASN A 421 12.52 -11.17 -30.25
CA ASN A 421 11.70 -11.35 -29.07
C ASN A 421 12.54 -11.91 -27.92
N LEU A 422 12.21 -11.48 -26.71
CA LEU A 422 12.89 -11.93 -25.50
C LEU A 422 12.20 -13.18 -24.97
N GLY A 423 12.78 -13.75 -23.90
CA GLY A 423 12.32 -15.03 -23.41
C GLY A 423 11.16 -14.91 -22.46
N SER A 424 10.58 -16.06 -22.12
CA SER A 424 9.46 -16.10 -21.18
C SER A 424 9.94 -15.92 -19.75
N ASN A 425 11.17 -16.34 -19.45
CA ASN A 425 11.65 -16.58 -18.11
C ASN A 425 12.82 -15.64 -17.84
N TRP A 426 12.60 -14.69 -16.94
CA TRP A 426 13.49 -13.57 -16.71
C TRP A 426 14.52 -13.87 -15.61
N ALA A 427 15.81 -13.85 -15.98
CA ALA A 427 16.90 -13.95 -15.02
C ALA A 427 17.30 -12.55 -14.58
N TYR A 428 18.56 -12.34 -14.20
CA TYR A 428 18.96 -11.10 -13.54
C TYR A 428 19.09 -9.96 -14.55
N GLN A 429 19.17 -8.75 -14.03
CA GLN A 429 19.06 -7.56 -14.86
C GLN A 429 19.76 -6.46 -14.07
N VAL A 430 20.98 -6.11 -14.49
CA VAL A 430 21.85 -5.28 -13.65
C VAL A 430 22.45 -4.16 -14.47
N MET A 431 22.87 -3.12 -13.76
CA MET A 431 23.52 -1.92 -14.31
C MET A 431 24.99 -2.02 -13.93
N ALA A 432 25.78 -2.58 -14.85
CA ALA A 432 27.13 -3.03 -14.57
C ALA A 432 28.17 -2.13 -15.22
N THR A 433 29.37 -2.13 -14.61
CA THR A 433 30.60 -1.74 -15.28
C THR A 433 31.29 -3.01 -15.77
N GLU A 434 31.64 -3.05 -17.05
CA GLU A 434 32.17 -4.26 -17.68
C GLU A 434 33.46 -3.90 -18.41
N GLY A 435 34.61 -4.32 -17.88
CA GLY A 435 35.91 -3.98 -18.45
C GLY A 435 36.60 -5.18 -19.09
N TYR A 436 37.50 -4.88 -20.08
CA TYR A 436 38.14 -5.91 -20.91
C TYR A 436 39.61 -5.54 -21.14
N GLN A 437 40.48 -5.97 -20.22
CA GLN A 437 41.92 -5.67 -20.24
C GLN A 437 42.15 -4.16 -20.35
N SER A 438 41.85 -3.48 -19.26
CA SER A 438 41.88 -2.03 -19.23
C SER A 438 42.22 -1.58 -17.81
N SER A 439 42.21 -0.27 -17.61
CA SER A 439 42.16 0.36 -16.32
C SER A 439 40.91 1.20 -16.27
N GLY A 440 40.66 1.78 -15.12
CA GLY A 440 39.58 2.74 -15.01
C GLY A 440 39.03 2.80 -13.60
N SER A 441 38.04 3.68 -13.44
CA SER A 441 37.33 3.84 -12.19
C SER A 441 35.88 4.11 -12.53
N SER A 442 34.97 3.72 -11.65
CA SER A 442 33.59 4.07 -11.88
C SER A 442 32.84 4.04 -10.56
N ASN A 443 31.95 5.00 -10.37
CA ASN A 443 31.06 5.01 -9.23
C ASN A 443 29.67 5.20 -9.77
N VAL A 444 28.77 4.24 -9.47
CA VAL A 444 27.41 4.23 -10.00
C VAL A 444 26.43 3.89 -8.87
N THR A 445 25.41 4.73 -8.73
CA THR A 445 24.25 4.41 -7.88
C THR A 445 23.07 4.03 -8.77
N VAL A 446 22.33 2.98 -8.36
CA VAL A 446 21.29 2.35 -9.16
C VAL A 446 20.00 2.27 -8.36
N TRP A 447 18.87 2.48 -9.05
CA TRP A 447 17.56 2.26 -8.43
C TRP A 447 16.51 2.19 -9.53
N SER A 448 15.25 2.05 -9.11
CA SER A 448 14.13 2.01 -10.05
C SER A 448 13.11 3.14 -9.83
N SER A 449 12.19 2.95 -8.89
CA SER A 449 11.08 3.87 -8.66
C SER A 449 11.18 4.42 -7.25
N LYS A 450 12.04 5.43 -7.06
CA LYS A 450 12.27 6.00 -5.74
C LYS A 450 10.97 6.48 -5.11
N ARG A 451 10.77 6.12 -3.84
CA ARG A 451 9.56 6.45 -3.11
C ARG A 451 9.60 7.89 -2.63
N LYS A 452 8.42 8.49 -2.49
CA LYS A 452 8.29 9.82 -1.94
C LYS A 452 8.15 9.71 -0.42
N LYS A 453 9.11 10.28 0.33
CA LYS A 453 9.05 10.17 1.78
C LYS A 453 7.72 10.69 2.32
N SER A 454 7.26 11.82 1.80
CA SER A 454 5.94 12.32 2.16
C SER A 454 4.88 11.24 2.01
N GLU A 455 4.83 10.60 0.84
CA GLU A 455 3.83 9.57 0.58
C GLU A 455 4.05 8.32 1.43
N LYS A 456 5.31 8.02 1.77
CA LYS A 456 5.58 6.84 2.58
C LYS A 456 4.85 6.93 3.92
N LYS A 457 4.99 8.07 4.60
CA LYS A 457 4.42 8.21 5.94
C LYS A 457 2.90 8.13 5.92
N VAL A 458 2.26 8.63 4.86
CA VAL A 458 0.81 8.54 4.77
C VAL A 458 0.38 7.09 4.53
N THR A 459 1.08 6.38 3.62
CA THR A 459 0.78 4.97 3.41
C THR A 459 1.06 4.15 4.66
N ARG A 460 1.95 4.64 5.53
CA ARG A 460 2.19 3.96 6.79
C ARG A 460 1.06 4.18 7.78
N MET A 461 0.51 5.40 7.79
CA MET A 461 -0.57 5.73 8.71
C MET A 461 -1.82 4.93 8.40
N VAL A 462 -2.20 4.87 7.11
CA VAL A 462 -3.39 4.11 6.76
C VAL A 462 -3.21 2.65 7.14
N SER A 463 -2.02 2.10 6.89
CA SER A 463 -1.76 0.71 7.22
C SER A 463 -2.03 0.42 8.70
N ILE A 464 -1.68 1.36 9.57
CA ILE A 464 -1.88 1.18 11.00
C ILE A 464 -3.31 1.49 11.40
N VAL A 465 -4.00 2.39 10.71
CA VAL A 465 -5.41 2.59 11.01
C VAL A 465 -6.19 1.34 10.62
N VAL A 466 -5.84 0.75 9.48
CA VAL A 466 -6.37 -0.57 9.11
C VAL A 466 -6.05 -1.60 10.20
N ALA A 467 -4.87 -1.50 10.81
CA ALA A 467 -4.47 -2.53 11.76
C ALA A 467 -5.31 -2.47 13.02
N VAL A 468 -5.48 -1.26 13.58
CA VAL A 468 -6.28 -1.12 14.78
C VAL A 468 -7.74 -1.45 14.50
N PHE A 469 -8.24 -1.09 13.32
CA PHE A 469 -9.61 -1.47 13.00
C PHE A 469 -9.77 -2.98 13.06
N ILE A 470 -8.94 -3.72 12.32
CA ILE A 470 -9.01 -5.18 12.34
C ILE A 470 -8.92 -5.69 13.76
N PHE A 471 -7.95 -5.17 14.53
CA PHE A 471 -7.79 -5.58 15.92
C PHE A 471 -9.07 -5.35 16.75
N CYS A 472 -9.72 -4.19 16.60
CA CYS A 472 -10.80 -3.81 17.50
C CYS A 472 -12.12 -4.46 17.12
N TRP A 473 -12.26 -4.93 15.89
CA TRP A 473 -13.52 -5.43 15.39
C TRP A 473 -13.54 -6.94 15.21
N LEU A 474 -12.38 -7.55 14.95
CA LEU A 474 -12.37 -8.99 14.68
C LEU A 474 -12.83 -9.85 15.85
N PRO A 475 -12.45 -9.61 17.10
CA PRO A 475 -13.12 -10.33 18.20
C PRO A 475 -14.65 -10.23 18.15
N PHE A 476 -15.18 -9.09 17.68
CA PHE A 476 -16.63 -8.92 17.56
C PHE A 476 -17.23 -9.85 16.50
N TYR A 477 -16.70 -9.81 15.28
CA TYR A 477 -17.24 -10.71 14.26
C TYR A 477 -16.96 -12.15 14.61
N ILE A 478 -15.86 -12.42 15.30
CA ILE A 478 -15.57 -13.78 15.76
C ILE A 478 -16.58 -14.21 16.81
N PHE A 479 -16.90 -13.33 17.78
CA PHE A 479 -17.91 -13.66 18.77
C PHE A 479 -19.28 -13.85 18.12
N ASN A 480 -19.61 -13.03 17.12
CA ASN A 480 -20.94 -13.09 16.52
C ASN A 480 -21.14 -14.36 15.71
N VAL A 481 -20.08 -14.89 15.11
CA VAL A 481 -20.23 -16.04 14.20
C VAL A 481 -20.30 -17.35 14.96
N SER A 482 -19.51 -17.46 16.04
CA SER A 482 -19.71 -18.57 16.99
C SER A 482 -21.13 -18.61 17.50
N SER A 483 -21.71 -17.46 17.81
CA SER A 483 -23.00 -17.40 18.51
C SER A 483 -24.17 -17.93 17.69
N VAL A 484 -24.02 -18.23 16.40
CA VAL A 484 -25.12 -18.88 15.70
C VAL A 484 -25.14 -20.37 16.02
N SER A 485 -23.98 -21.01 16.09
CA SER A 485 -23.91 -22.43 16.38
C SER A 485 -24.47 -22.76 17.76
N MET A 486 -24.55 -21.76 18.65
CA MET A 486 -24.66 -21.99 20.08
C MET A 486 -25.91 -22.77 20.46
N ALA A 487 -25.79 -23.56 21.51
CA ALA A 487 -26.87 -24.40 22.00
C ALA A 487 -27.27 -24.25 23.46
N ILE A 488 -26.46 -23.54 24.23
CA ILE A 488 -26.71 -23.31 25.64
C ILE A 488 -26.95 -21.85 25.86
N SER A 489 -27.77 -21.52 26.85
CA SER A 489 -28.06 -20.15 27.17
C SER A 489 -26.85 -19.45 27.72
N PRO A 490 -26.73 -18.16 27.48
CA PRO A 490 -25.54 -17.45 27.90
C PRO A 490 -25.28 -17.41 29.38
N THR A 491 -24.01 -17.57 29.65
CA THR A 491 -23.39 -17.54 30.96
C THR A 491 -22.99 -16.10 31.22
N PRO A 492 -22.80 -15.73 32.49
CA PRO A 492 -22.31 -14.41 32.85
C PRO A 492 -20.93 -14.20 32.26
N ALA A 493 -20.08 -15.20 32.23
CA ALA A 493 -18.80 -15.03 31.60
C ALA A 493 -18.96 -14.72 30.12
N LEU A 494 -19.83 -15.44 29.41
CA LEU A 494 -20.08 -15.16 28.00
C LEU A 494 -20.74 -13.82 27.78
N LYS A 495 -21.64 -13.46 28.66
CA LYS A 495 -22.30 -12.15 28.58
C LYS A 495 -21.28 -11.04 28.80
N GLY A 496 -20.37 -11.23 29.76
CA GLY A 496 -19.32 -10.26 29.96
C GLY A 496 -18.35 -10.21 28.81
N MET A 497 -18.22 -11.32 28.07
CA MET A 497 -17.37 -11.32 26.89
C MET A 497 -18.02 -10.57 25.74
N PHE A 498 -19.33 -10.74 25.55
CA PHE A 498 -20.01 -9.94 24.53
C PHE A 498 -19.85 -8.45 24.81
N ASP A 499 -20.06 -8.04 26.05
CA ASP A 499 -20.02 -6.59 26.32
C ASP A 499 -18.60 -6.05 26.20
N PHE A 500 -17.58 -6.86 26.50
CA PHE A 500 -16.21 -6.42 26.28
C PHE A 500 -15.92 -6.31 24.79
N VAL A 501 -16.31 -7.33 24.04
CA VAL A 501 -16.04 -7.38 22.62
C VAL A 501 -16.74 -6.24 21.87
N VAL A 502 -17.94 -5.83 22.33
CA VAL A 502 -18.60 -4.68 21.73
C VAL A 502 -17.91 -3.38 22.15
N VAL A 503 -17.54 -3.25 23.42
CA VAL A 503 -16.80 -2.08 23.89
C VAL A 503 -15.54 -1.91 23.08
N LEU A 504 -14.92 -3.03 22.68
CA LEU A 504 -13.75 -2.97 21.82
C LEU A 504 -14.06 -2.27 20.49
N THR A 505 -15.24 -2.50 19.91
CA THR A 505 -15.55 -1.82 18.66
C THR A 505 -15.78 -0.33 18.88
N TYR A 506 -16.49 0.02 19.96
CA TYR A 506 -16.78 1.43 20.25
C TYR A 506 -15.50 2.20 20.52
N ALA A 507 -14.53 1.55 21.17
CA ALA A 507 -13.27 2.21 21.45
C ALA A 507 -12.52 2.53 20.16
N ASN A 508 -12.76 1.75 19.11
CA ASN A 508 -12.08 1.96 17.84
C ASN A 508 -12.31 3.36 17.32
N SER A 509 -13.51 3.91 17.52
CA SER A 509 -13.86 5.24 17.03
C SER A 509 -13.42 6.36 17.97
N CYS A 510 -12.53 6.11 18.93
CA CYS A 510 -11.76 7.19 19.53
C CYS A 510 -10.26 6.92 19.45
N ALA A 511 -9.83 5.93 18.69
CA ALA A 511 -8.40 5.74 18.48
C ALA A 511 -7.91 6.56 17.30
N ASN A 512 -8.59 6.45 16.13
CA ASN A 512 -8.17 7.08 14.88
C ASN A 512 -7.54 8.46 15.13
N PRO A 513 -8.22 9.38 15.83
CA PRO A 513 -7.60 10.71 16.04
C PRO A 513 -6.29 10.64 16.79
N ILE A 514 -6.25 9.94 17.92
CA ILE A 514 -5.00 9.78 18.67
C ILE A 514 -3.89 9.25 17.77
N LEU A 515 -4.24 8.36 16.84
CA LEU A 515 -3.25 7.82 15.91
C LEU A 515 -2.80 8.86 14.90
N TYR A 516 -3.73 9.70 14.42
CA TYR A 516 -3.36 10.76 13.50
C TYR A 516 -2.30 11.66 14.11
N ALA A 517 -2.39 11.91 15.42
CA ALA A 517 -1.42 12.79 16.06
C ALA A 517 -0.06 12.10 16.26
N PHE A 518 -0.05 10.78 16.37
CA PHE A 518 1.20 10.05 16.52
C PHE A 518 1.82 9.65 15.20
N LEU A 519 1.04 9.61 14.12
CA LEU A 519 1.49 9.08 12.84
C LEU A 519 1.45 10.08 11.69
N ASP A 520 0.86 11.25 11.88
CA ASP A 520 0.91 12.30 10.88
C ASP A 520 1.41 13.56 11.58
N ASP A 521 2.53 14.10 11.08
CA ASP A 521 3.04 15.35 11.61
C ASP A 521 2.08 16.49 11.34
N ASN A 522 1.48 16.49 10.15
CA ASN A 522 0.55 17.56 9.77
C ASN A 522 -0.67 17.60 10.69
N PHE A 523 -1.17 16.42 11.07
CA PHE A 523 -2.23 16.38 12.08
C PHE A 523 -1.72 16.83 13.44
N LYS A 524 -0.45 16.52 13.77
CA LYS A 524 0.06 16.87 15.09
C LYS A 524 0.14 18.38 15.28
N LYS A 525 0.68 19.10 14.29
CA LYS A 525 0.81 20.55 14.42
C LYS A 525 -0.55 21.25 14.34
N SER A 526 -1.44 20.78 13.46
CA SER A 526 -2.82 21.29 13.46
C SER A 526 -3.48 21.13 14.83
N PHE A 527 -3.29 19.98 15.48
CA PHE A 527 -3.83 19.84 16.82
C PHE A 527 -3.16 20.81 17.78
N GLN A 528 -1.87 21.09 17.58
CA GLN A 528 -1.15 22.03 18.46
C GLN A 528 -1.53 23.47 18.15
N ASN A 529 -1.58 23.83 16.87
CA ASN A 529 -2.12 25.11 16.49
C ASN A 529 -3.47 25.35 17.16
N VAL A 530 -4.37 24.36 17.14
CA VAL A 530 -5.75 24.60 17.54
C VAL A 530 -5.86 24.73 19.04
N LEU A 531 -5.25 23.80 19.78
CA LEU A 531 -5.36 23.82 21.24
C LEU A 531 -4.24 24.63 21.91
N CYS A 532 -3.74 25.66 21.23
CA CYS A 532 -2.72 26.58 21.72
C CYS A 532 -1.66 25.89 22.58
N LEU A 533 -1.02 24.87 22.02
CA LEU A 533 0.11 24.23 22.66
C LEU A 533 1.40 24.79 22.07
N VAL A 534 2.53 24.27 22.54
CA VAL A 534 3.85 24.86 22.30
C VAL A 534 4.57 24.05 21.25
N LYS A 535 4.97 24.70 20.17
CA LYS A 535 5.69 24.06 19.08
C LYS A 535 7.17 24.34 19.29
N VAL A 536 7.94 23.30 19.64
CA VAL A 536 9.36 23.45 19.93
C VAL A 536 10.12 22.45 19.08
N SER A 537 10.83 22.96 18.08
CA SER A 537 11.69 22.13 17.25
C SER A 537 12.87 21.63 18.10
N TYR B 4 -29.27 -8.16 23.57
CA TYR B 4 -30.33 -7.32 23.02
C TYR B 4 -29.89 -5.86 23.05
N LYS B 6 -26.19 -4.85 20.90
CA LYS B 6 -24.78 -4.97 21.04
C LYS B 6 -24.57 -4.82 22.54
N THR B 7 -25.54 -5.53 23.41
CA THR B 7 -25.33 -5.41 24.84
C THR B 7 -26.06 -6.60 25.54
N CYS B 8 -25.43 -7.22 26.78
CA CYS B 8 -26.11 -8.34 27.47
C CYS B 8 -26.44 -7.80 28.89
#